data_8OUV
#
_entry.id   8OUV
#
_cell.length_a   53.772
_cell.length_b   56.229
_cell.length_c   215.948
_cell.angle_alpha   90
_cell.angle_beta   90
_cell.angle_gamma   90
#
_symmetry.space_group_name_H-M   'P 21 21 21'
#
loop_
_entity.id
_entity.type
_entity.pdbx_description
1 polymer 'Hepatocyte growth factor receptor'
2 non-polymer 5-(1H-indazol-7-yl)-1-[(1S)-1-phenylethyl]pyrimidine-2,4-dione
3 non-polymer 'CHLORIDE ION'
4 water water
#
_entity_poly.entity_id   1
_entity_poly.type   'polypeptide(L)'
_entity_poly.pdbx_seq_one_letter_code
;GDSDISSPLLQNTVHIDLSALNPELVQAVQHVVIGPSSLIVHFNEVIGRGHFGCVYHGTLLDNDGKKIHCAVKSLNRITD
IGEVSQFLTEGIIMKDFSHPNVLSLLGICLRSEGSPLVVLPYMKHGDLRNFIRNETHNPTVKDLIGFGLQVAKGMKYLAS
KKFVHRDLAARNCMLDEKFTVKVADFGLARVMYDKEYYSVHNKTGAKLPVKWMALESLQTQKFTTKSDVWSFGVLLWELM
TRGAPPYPDVNTFDITVYLLQGRRLLQPEYCPDPLYEVMLKCWHPKAEMRPSFSELVSRISAIFSTFIG
;
_entity_poly.pdbx_strand_id   A,B
#
loop_
_chem_comp.id
_chem_comp.type
_chem_comp.name
_chem_comp.formula
CL non-polymer 'CHLORIDE ION' 'Cl -1'
W3R non-polymer 5-(1H-indazol-7-yl)-1-[(1S)-1-phenylethyl]pyrimidine-2,4-dione 'C19 H16 N4 O2'
#
# COMPACT_ATOMS: atom_id res chain seq x y z
N ILE A 16 -18.20 3.62 18.29
CA ILE A 16 -17.40 4.52 17.47
C ILE A 16 -18.22 5.06 16.29
N ASP A 17 -18.39 6.40 16.23
CA ASP A 17 -19.13 7.01 15.13
C ASP A 17 -18.26 7.11 13.87
N LEU A 18 -18.42 6.13 12.97
CA LEU A 18 -17.64 6.09 11.73
C LEU A 18 -18.01 7.19 10.73
N SER A 19 -19.20 7.80 10.88
CA SER A 19 -19.67 8.86 10.01
C SER A 19 -18.91 10.19 10.23
N ALA A 20 -18.27 10.37 11.38
CA ALA A 20 -17.55 11.62 11.68
C ALA A 20 -16.11 11.69 11.17
N LEU A 21 -15.60 10.63 10.53
CA LEU A 21 -14.22 10.62 10.04
C LEU A 21 -14.06 11.50 8.80
N ASN A 22 -12.85 12.07 8.63
CA ASN A 22 -12.47 12.88 7.47
C ASN A 22 -12.64 12.05 6.19
N PRO A 23 -13.44 12.54 5.23
CA PRO A 23 -13.75 11.74 4.04
C PRO A 23 -12.55 11.38 3.17
N GLU A 24 -11.51 12.23 3.16
CA GLU A 24 -10.29 11.92 2.39
C GLU A 24 -9.57 10.75 3.06
N LEU A 25 -9.51 10.77 4.41
CA LEU A 25 -8.89 9.72 5.20
C LEU A 25 -9.65 8.40 5.03
N VAL A 26 -11.00 8.43 4.97
CA VAL A 26 -11.79 7.23 4.77
C VAL A 26 -11.49 6.63 3.39
N GLN A 27 -11.37 7.48 2.37
CA GLN A 27 -11.07 7.02 1.01
C GLN A 27 -9.67 6.38 0.98
N ALA A 28 -8.69 7.05 1.60
CA ALA A 28 -7.28 6.61 1.64
C ALA A 28 -7.11 5.30 2.41
N VAL A 29 -7.90 5.09 3.46
CA VAL A 29 -7.73 3.88 4.29
C VAL A 29 -8.50 2.66 3.77
N GLN A 30 -9.45 2.85 2.82
CA GLN A 30 -10.29 1.75 2.34
C GLN A 30 -9.52 0.49 1.95
N HIS A 31 -8.36 0.64 1.29
CA HIS A 31 -7.57 -0.51 0.85
C HIS A 31 -6.96 -1.33 2.02
N VAL A 32 -6.98 -0.78 3.24
CA VAL A 32 -6.46 -1.44 4.44
C VAL A 32 -7.59 -2.19 5.17
N VAL A 33 -8.83 -1.73 5.01
CA VAL A 33 -9.97 -2.29 5.74
C VAL A 33 -10.35 -3.67 5.24
N ILE A 34 -10.51 -4.57 6.18
CA ILE A 34 -11.06 -5.90 5.90
C ILE A 34 -12.24 -6.11 6.84
N GLY A 35 -13.22 -6.88 6.38
CA GLY A 35 -14.43 -7.08 7.16
C GLY A 35 -15.00 -8.48 7.11
N PRO A 36 -16.24 -8.62 7.60
CA PRO A 36 -16.88 -9.94 7.69
C PRO A 36 -17.04 -10.72 6.39
N SER A 37 -16.86 -10.09 5.20
CA SER A 37 -16.94 -10.84 3.93
C SER A 37 -15.71 -11.71 3.73
N SER A 38 -14.60 -11.51 4.49
CA SER A 38 -13.44 -12.39 4.33
C SER A 38 -12.82 -12.86 5.64
N LEU A 39 -13.10 -12.15 6.76
CA LEU A 39 -12.47 -12.49 8.02
C LEU A 39 -13.41 -13.08 9.05
N ILE A 40 -13.01 -14.21 9.61
CA ILE A 40 -13.69 -14.85 10.72
C ILE A 40 -12.80 -14.68 11.97
N VAL A 41 -13.28 -13.96 12.98
CA VAL A 41 -12.52 -13.82 14.22
C VAL A 41 -12.99 -14.88 15.19
N HIS A 42 -12.07 -15.69 15.69
CA HIS A 42 -12.41 -16.74 16.63
C HIS A 42 -12.25 -16.19 18.06
N PHE A 43 -13.25 -15.42 18.51
CA PHE A 43 -13.25 -14.73 19.80
C PHE A 43 -13.10 -15.66 21.01
N ASN A 44 -13.36 -16.95 20.85
CA ASN A 44 -13.18 -17.92 21.94
C ASN A 44 -11.79 -18.60 21.92
N GLU A 45 -10.94 -18.26 20.94
CA GLU A 45 -9.62 -18.85 20.83
C GLU A 45 -8.62 -17.72 21.00
N VAL A 46 -8.19 -17.50 22.25
CA VAL A 46 -7.25 -16.44 22.60
C VAL A 46 -5.81 -16.88 22.45
N ILE A 47 -5.03 -16.12 21.68
CA ILE A 47 -3.61 -16.36 21.52
C ILE A 47 -2.85 -15.70 22.70
N GLY A 48 -3.20 -14.47 23.02
CA GLY A 48 -2.52 -13.74 24.07
C GLY A 48 -3.33 -12.59 24.66
N ARG A 49 -2.95 -12.16 25.84
CA ARG A 49 -3.62 -11.06 26.53
C ARG A 49 -2.53 -10.03 26.91
N GLY A 50 -2.74 -8.77 26.59
CA GLY A 50 -1.79 -7.71 26.94
C GLY A 50 -2.46 -6.49 27.54
N HIS A 51 -1.66 -5.51 27.94
CA HIS A 51 -2.20 -4.25 28.48
C HIS A 51 -3.06 -3.53 27.42
N PHE A 52 -2.80 -3.76 26.11
CA PHE A 52 -3.55 -3.15 24.98
C PHE A 52 -4.91 -3.81 24.70
N GLY A 53 -5.06 -5.06 25.11
CA GLY A 53 -6.25 -5.83 24.79
C GLY A 53 -5.92 -7.30 24.61
N CYS A 54 -6.57 -7.95 23.66
CA CYS A 54 -6.32 -9.38 23.43
CA CYS A 54 -6.43 -9.39 23.42
C CYS A 54 -5.95 -9.68 21.99
N VAL A 55 -5.37 -10.87 21.74
CA VAL A 55 -4.99 -11.33 20.41
C VAL A 55 -5.77 -12.63 20.23
N TYR A 56 -6.60 -12.72 19.18
CA TYR A 56 -7.41 -13.90 18.90
C TYR A 56 -6.91 -14.61 17.67
N HIS A 57 -7.19 -15.91 17.57
CA HIS A 57 -6.97 -16.63 16.32
C HIS A 57 -8.06 -16.08 15.33
N GLY A 58 -7.71 -16.00 14.07
CA GLY A 58 -8.62 -15.55 13.03
C GLY A 58 -8.38 -16.34 11.76
N THR A 59 -9.38 -16.37 10.88
CA THR A 59 -9.27 -17.06 9.61
C THR A 59 -9.62 -16.04 8.53
N LEU A 60 -8.80 -15.92 7.50
CA LEU A 60 -9.06 -14.98 6.41
C LEU A 60 -9.28 -15.85 5.15
N LEU A 61 -10.41 -15.68 4.46
CA LEU A 61 -10.70 -16.50 3.28
C LEU A 61 -10.40 -15.69 2.06
N ASP A 62 -9.70 -16.27 1.06
CA ASP A 62 -9.50 -15.59 -0.20
C ASP A 62 -10.71 -15.85 -1.14
N ASN A 63 -10.73 -15.27 -2.35
CA ASN A 63 -11.84 -15.44 -3.29
C ASN A 63 -12.07 -16.89 -3.75
N ASP A 64 -11.06 -17.75 -3.63
CA ASP A 64 -11.22 -19.16 -3.94
C ASP A 64 -11.61 -20.00 -2.73
N GLY A 65 -11.84 -19.39 -1.57
CA GLY A 65 -12.20 -20.14 -0.37
C GLY A 65 -11.02 -20.68 0.41
N LYS A 66 -9.78 -20.37 -0.02
CA LYS A 66 -8.59 -20.82 0.69
C LYS A 66 -8.45 -20.05 2.01
N LYS A 67 -8.14 -20.78 3.09
CA LYS A 67 -8.01 -20.22 4.42
C LYS A 67 -6.58 -19.84 4.78
N ILE A 68 -6.42 -18.60 5.29
CA ILE A 68 -5.15 -18.03 5.76
C ILE A 68 -5.30 -17.86 7.28
N HIS A 69 -4.40 -18.46 8.07
CA HIS A 69 -4.47 -18.33 9.53
C HIS A 69 -3.90 -16.96 9.92
N CYS A 70 -4.61 -16.24 10.78
CA CYS A 70 -4.15 -14.93 11.22
C CYS A 70 -4.33 -14.71 12.72
N ALA A 71 -3.66 -13.66 13.24
CA ALA A 71 -3.75 -13.23 14.63
C ALA A 71 -4.49 -11.89 14.57
N VAL A 72 -5.49 -11.72 15.42
CA VAL A 72 -6.32 -10.53 15.39
C VAL A 72 -6.15 -9.81 16.68
N LYS A 73 -5.45 -8.69 16.63
CA LYS A 73 -5.14 -7.91 17.79
C LYS A 73 -6.23 -6.89 18.02
N SER A 74 -6.85 -6.92 19.19
CA SER A 74 -7.92 -6.00 19.54
C SER A 74 -7.33 -4.84 20.30
N LEU A 75 -7.48 -3.61 19.80
CA LEU A 75 -6.92 -2.43 20.47
C LEU A 75 -8.06 -1.77 21.25
N ASN A 76 -8.37 -2.31 22.42
CA ASN A 76 -9.50 -1.90 23.25
C ASN A 76 -9.49 -0.44 23.75
N ARG A 77 -8.33 0.24 23.72
CA ARG A 77 -8.25 1.61 24.19
C ARG A 77 -8.53 2.67 23.12
N ILE A 78 -8.68 2.27 21.84
CA ILE A 78 -8.95 3.25 20.79
C ILE A 78 -10.45 3.52 20.77
N THR A 79 -10.85 4.71 21.22
CA THR A 79 -12.27 5.04 21.30
C THR A 79 -12.60 6.39 20.68
N ASP A 80 -11.89 7.46 21.04
CA ASP A 80 -12.21 8.79 20.53
C ASP A 80 -11.74 9.01 19.08
N ILE A 81 -12.39 9.96 18.40
CA ILE A 81 -12.19 10.32 16.99
C ILE A 81 -10.72 10.59 16.61
N GLY A 82 -9.96 11.24 17.48
CA GLY A 82 -8.55 11.54 17.24
C GLY A 82 -7.72 10.28 17.23
N GLU A 83 -8.03 9.37 18.16
CA GLU A 83 -7.35 8.07 18.28
C GLU A 83 -7.72 7.19 17.08
N VAL A 84 -8.98 7.23 16.64
CA VAL A 84 -9.40 6.42 15.50
C VAL A 84 -8.75 6.94 14.22
N SER A 85 -8.64 8.26 14.06
CA SER A 85 -8.02 8.84 12.87
C SER A 85 -6.54 8.48 12.83
N GLN A 86 -5.86 8.57 13.98
CA GLN A 86 -4.45 8.22 14.07
C GLN A 86 -4.27 6.71 13.79
N PHE A 87 -5.22 5.86 14.23
CA PHE A 87 -5.18 4.42 13.95
C PHE A 87 -5.26 4.16 12.44
N LEU A 88 -6.16 4.88 11.74
CA LEU A 88 -6.31 4.71 10.29
C LEU A 88 -5.05 5.17 9.57
N THR A 89 -4.42 6.27 10.03
CA THR A 89 -3.19 6.77 9.42
C THR A 89 -2.07 5.74 9.59
N GLU A 90 -1.94 5.19 10.79
CA GLU A 90 -0.95 4.13 11.05
C GLU A 90 -1.19 2.86 10.20
N GLY A 91 -2.48 2.49 10.00
CA GLY A 91 -2.80 1.36 9.13
C GLY A 91 -2.37 1.63 7.70
N ILE A 92 -2.54 2.88 7.20
CA ILE A 92 -2.07 3.19 5.82
C ILE A 92 -0.52 3.04 5.73
N ILE A 93 0.17 3.56 6.72
CA ILE A 93 1.64 3.46 6.75
C ILE A 93 2.08 2.02 6.80
N MET A 94 1.52 1.20 7.70
CA MET A 94 1.98 -0.19 7.87
C MET A 94 1.46 -1.16 6.83
N LYS A 95 0.35 -0.85 6.17
CA LYS A 95 -0.16 -1.72 5.09
C LYS A 95 0.86 -1.76 3.93
N ASP A 96 1.70 -0.72 3.78
CA ASP A 96 2.73 -0.65 2.74
C ASP A 96 3.91 -1.65 3.01
N PHE A 97 4.09 -2.07 4.26
CA PHE A 97 5.21 -2.97 4.60
C PHE A 97 5.20 -4.25 3.84
N SER A 98 6.34 -4.53 3.21
CA SER A 98 6.62 -5.76 2.49
C SER A 98 8.11 -6.11 2.60
N HIS A 99 8.48 -6.92 3.59
CA HIS A 99 9.86 -7.35 3.78
C HIS A 99 9.84 -8.68 4.52
N PRO A 100 10.74 -9.63 4.17
CA PRO A 100 10.72 -10.94 4.84
C PRO A 100 10.96 -10.91 6.36
N ASN A 101 11.54 -9.84 6.90
CA ASN A 101 11.79 -9.76 8.34
C ASN A 101 10.92 -8.71 9.04
N VAL A 102 9.80 -8.33 8.43
CA VAL A 102 8.87 -7.39 8.99
C VAL A 102 7.49 -8.06 8.93
N LEU A 103 6.79 -8.09 10.05
CA LEU A 103 5.48 -8.73 10.09
C LEU A 103 4.51 -7.87 9.25
N SER A 104 3.89 -8.46 8.23
CA SER A 104 2.95 -7.72 7.37
C SER A 104 1.65 -7.31 8.09
N LEU A 105 0.98 -6.27 7.59
CA LEU A 105 -0.34 -5.92 8.06
C LEU A 105 -1.28 -6.46 7.00
N LEU A 106 -2.10 -7.45 7.34
CA LEU A 106 -3.08 -7.98 6.39
C LEU A 106 -4.23 -6.99 6.23
N GLY A 107 -4.62 -6.34 7.33
CA GLY A 107 -5.65 -5.32 7.28
C GLY A 107 -6.11 -4.94 8.66
N ILE A 108 -7.03 -3.99 8.73
CA ILE A 108 -7.63 -3.52 9.98
C ILE A 108 -9.16 -3.64 9.91
N CYS A 109 -9.82 -3.70 11.07
CA CYS A 109 -11.29 -3.71 11.10
C CYS A 109 -11.75 -2.52 11.89
N LEU A 110 -12.63 -1.71 11.31
CA LEU A 110 -13.18 -0.57 12.02
C LEU A 110 -14.68 -0.82 12.05
N ARG A 111 -15.11 -1.44 13.12
CA ARG A 111 -16.48 -1.85 13.30
C ARG A 111 -17.32 -0.74 13.93
N SER A 112 -18.63 -0.75 13.64
CA SER A 112 -19.58 0.16 14.28
C SER A 112 -19.79 -0.27 15.74
N GLU A 113 -19.58 -1.56 16.07
CA GLU A 113 -19.74 -2.11 17.40
C GLU A 113 -18.48 -2.91 17.74
N GLY A 114 -17.77 -2.49 18.77
CA GLY A 114 -16.54 -3.16 19.19
C GLY A 114 -15.31 -2.31 18.93
N SER A 115 -14.19 -2.73 19.48
CA SER A 115 -12.94 -2.00 19.34
C SER A 115 -12.28 -2.29 17.98
N PRO A 116 -11.42 -1.38 17.49
CA PRO A 116 -10.70 -1.66 16.24
C PRO A 116 -9.82 -2.89 16.35
N LEU A 117 -9.60 -3.57 15.23
CA LEU A 117 -8.84 -4.80 15.16
C LEU A 117 -7.70 -4.67 14.16
N VAL A 118 -6.56 -5.29 14.46
CA VAL A 118 -5.41 -5.34 13.58
C VAL A 118 -5.23 -6.79 13.17
N VAL A 119 -5.20 -7.05 11.87
CA VAL A 119 -5.11 -8.40 11.35
C VAL A 119 -3.72 -8.65 10.85
N LEU A 120 -3.05 -9.64 11.44
CA LEU A 120 -1.66 -9.97 11.17
C LEU A 120 -1.52 -11.43 10.80
N PRO A 121 -0.47 -11.81 10.05
CA PRO A 121 -0.25 -13.24 9.78
C PRO A 121 0.01 -13.96 11.11
N TYR A 122 -0.56 -15.17 11.26
CA TYR A 122 -0.35 -15.99 12.44
C TYR A 122 1.12 -16.40 12.52
N MET A 123 1.71 -16.34 13.73
CA MET A 123 3.11 -16.70 13.93
C MET A 123 3.21 -17.95 14.76
N LYS A 124 3.45 -19.07 14.06
CA LYS A 124 3.45 -20.43 14.64
C LYS A 124 4.33 -20.59 15.87
N HIS A 125 5.52 -19.97 15.86
CA HIS A 125 6.45 -20.15 16.97
C HIS A 125 6.47 -19.00 17.99
N GLY A 126 5.47 -18.12 17.94
CA GLY A 126 5.29 -17.04 18.90
C GLY A 126 6.42 -16.00 18.93
N ASP A 127 6.56 -15.31 20.07
CA ASP A 127 7.60 -14.28 20.16
C ASP A 127 8.98 -14.87 20.42
N LEU A 128 9.98 -14.17 19.90
CA LEU A 128 11.38 -14.55 19.97
C LEU A 128 11.89 -14.66 21.42
N ARG A 129 11.44 -13.78 22.34
CA ARG A 129 11.94 -13.84 23.71
C ARG A 129 11.46 -15.16 24.37
N ASN A 130 10.20 -15.49 24.22
CA ASN A 130 9.65 -16.73 24.78
C ASN A 130 10.34 -17.94 24.21
N PHE A 131 10.60 -17.93 22.90
CA PHE A 131 11.24 -19.05 22.26
C PHE A 131 12.62 -19.34 22.85
N ILE A 132 13.46 -18.29 22.94
CA ILE A 132 14.83 -18.50 23.40
C ILE A 132 14.89 -18.75 24.90
N ARG A 133 13.92 -18.26 25.70
CA ARG A 133 13.95 -18.49 27.13
C ARG A 133 13.49 -19.89 27.54
N ASN A 134 12.68 -20.55 26.68
CA ASN A 134 12.16 -21.87 26.99
C ASN A 134 13.29 -22.90 27.06
N GLU A 135 13.43 -23.50 28.26
CA GLU A 135 14.46 -24.50 28.56
C GLU A 135 14.37 -25.75 27.69
N THR A 136 13.19 -26.04 27.12
CA THR A 136 13.04 -27.20 26.23
C THR A 136 13.62 -26.93 24.82
N HIS A 137 13.89 -25.66 24.48
CA HIS A 137 14.47 -25.33 23.18
C HIS A 137 15.97 -25.20 23.31
N ASN A 138 16.71 -25.51 22.24
CA ASN A 138 18.17 -25.45 22.30
C ASN A 138 18.80 -24.72 21.11
N PRO A 139 18.51 -23.42 20.95
CA PRO A 139 19.13 -22.68 19.83
C PRO A 139 20.63 -22.58 20.03
N THR A 140 21.38 -22.74 18.95
CA THR A 140 22.83 -22.61 19.02
C THR A 140 23.21 -21.12 19.04
N VAL A 141 24.47 -20.82 19.38
CA VAL A 141 25.01 -19.48 19.32
C VAL A 141 24.86 -18.95 17.87
N LYS A 142 25.11 -19.82 16.87
CA LYS A 142 24.95 -19.42 15.47
C LYS A 142 23.48 -19.07 15.16
N ASP A 143 22.53 -19.86 15.65
CA ASP A 143 21.10 -19.59 15.44
C ASP A 143 20.72 -18.23 16.03
N LEU A 144 21.26 -17.92 17.23
CA LEU A 144 20.95 -16.70 17.92
C LEU A 144 21.50 -15.48 17.15
N ILE A 145 22.75 -15.59 16.61
CA ILE A 145 23.31 -14.52 15.76
C ILE A 145 22.47 -14.37 14.51
N GLY A 146 22.03 -15.50 13.92
CA GLY A 146 21.16 -15.50 12.75
C GLY A 146 19.86 -14.77 13.00
N PHE A 147 19.26 -14.94 14.20
CA PHE A 147 18.04 -14.21 14.57
C PHE A 147 18.33 -12.71 14.61
N GLY A 148 19.46 -12.34 15.20
CA GLY A 148 19.89 -10.95 15.29
C GLY A 148 20.08 -10.33 13.94
N LEU A 149 20.66 -11.09 12.99
CA LEU A 149 20.89 -10.60 11.63
C LEU A 149 19.54 -10.35 10.91
N GLN A 150 18.58 -11.24 11.14
CA GLN A 150 17.22 -11.09 10.58
C GLN A 150 16.55 -9.84 11.12
N VAL A 151 16.67 -9.59 12.44
CA VAL A 151 16.16 -8.36 13.04
C VAL A 151 16.81 -7.13 12.40
N ALA A 152 18.16 -7.16 12.21
CA ALA A 152 18.86 -6.04 11.59
C ALA A 152 18.33 -5.75 10.17
N LYS A 153 18.03 -6.80 9.39
CA LYS A 153 17.51 -6.63 8.04
C LYS A 153 16.10 -5.99 8.05
N GLY A 154 15.28 -6.42 9.01
CA GLY A 154 13.94 -5.87 9.15
C GLY A 154 13.98 -4.41 9.59
N MET A 155 14.93 -4.09 10.46
CA MET A 155 15.11 -2.73 10.95
C MET A 155 15.73 -1.83 9.89
N LYS A 156 16.58 -2.38 9.02
CA LYS A 156 17.15 -1.63 7.90
C LYS A 156 16.01 -1.21 6.96
N TYR A 157 15.06 -2.12 6.71
CA TYR A 157 13.89 -1.81 5.88
C TYR A 157 13.03 -0.72 6.53
N LEU A 158 12.71 -0.87 7.84
CA LEU A 158 11.89 0.12 8.52
C LEU A 158 12.56 1.48 8.55
N ALA A 159 13.85 1.51 8.82
CA ALA A 159 14.61 2.76 8.82
C ALA A 159 14.55 3.44 7.43
N SER A 160 14.59 2.65 6.35
CA SER A 160 14.51 3.18 4.97
C SER A 160 13.15 3.89 4.69
N LYS A 161 12.10 3.52 5.44
CA LYS A 161 10.75 4.11 5.38
C LYS A 161 10.57 5.27 6.38
N LYS A 162 11.66 5.64 7.12
CA LYS A 162 11.60 6.66 8.17
C LYS A 162 10.62 6.25 9.26
N PHE A 163 10.48 4.94 9.51
CA PHE A 163 9.57 4.42 10.51
C PHE A 163 10.38 4.14 11.77
N VAL A 164 10.12 4.93 12.82
CA VAL A 164 10.82 4.79 14.08
C VAL A 164 10.01 3.85 14.96
N HIS A 165 10.58 2.70 15.28
CA HIS A 165 9.87 1.69 16.03
C HIS A 165 9.52 2.15 17.45
N ARG A 166 10.53 2.64 18.21
CA ARG A 166 10.42 3.05 19.61
C ARG A 166 10.41 1.83 20.57
N ASP A 167 9.74 0.74 20.19
CA ASP A 167 9.57 -0.38 21.11
C ASP A 167 10.27 -1.67 20.70
N LEU A 168 11.38 -1.56 19.96
CA LEU A 168 12.12 -2.75 19.56
C LEU A 168 12.71 -3.48 20.78
N ALA A 169 12.34 -4.75 20.92
CA ALA A 169 12.77 -5.66 21.98
C ALA A 169 12.52 -7.08 21.45
N ALA A 170 13.19 -8.09 22.01
CA ALA A 170 13.00 -9.47 21.55
C ALA A 170 11.55 -9.92 21.65
N ARG A 171 10.80 -9.46 22.68
CA ARG A 171 9.40 -9.88 22.80
C ARG A 171 8.48 -9.34 21.67
N ASN A 172 8.94 -8.30 20.94
CA ASN A 172 8.18 -7.75 19.81
C ASN A 172 8.62 -8.31 18.46
N CYS A 173 9.48 -9.32 18.45
CA CYS A 173 9.85 -9.99 17.19
C CYS A 173 9.19 -11.34 17.26
N MET A 174 8.59 -11.78 16.16
CA MET A 174 7.88 -13.06 16.12
C MET A 174 8.61 -14.06 15.25
N LEU A 175 8.29 -15.35 15.41
CA LEU A 175 8.89 -16.40 14.61
C LEU A 175 7.77 -17.11 13.87
N ASP A 176 7.89 -17.20 12.55
CA ASP A 176 6.85 -17.86 11.77
C ASP A 176 7.09 -19.39 11.72
N GLU A 177 6.29 -20.12 10.91
CA GLU A 177 6.39 -21.59 10.79
C GLU A 177 7.76 -22.03 10.27
N LYS A 178 8.53 -21.15 9.61
CA LYS A 178 9.87 -21.49 9.12
C LYS A 178 10.98 -20.88 10.02
N PHE A 179 10.65 -20.38 11.22
CA PHE A 179 11.62 -19.74 12.09
C PHE A 179 12.21 -18.46 11.49
N THR A 180 11.46 -17.80 10.59
CA THR A 180 11.89 -16.52 10.05
C THR A 180 11.46 -15.48 11.08
N VAL A 181 12.37 -14.56 11.45
CA VAL A 181 12.05 -13.53 12.43
C VAL A 181 11.30 -12.40 11.73
N LYS A 182 10.20 -11.92 12.35
CA LYS A 182 9.42 -10.82 11.82
C LYS A 182 9.39 -9.74 12.89
N VAL A 183 9.92 -8.54 12.59
CA VAL A 183 9.83 -7.42 13.53
C VAL A 183 8.36 -7.01 13.60
N ALA A 184 7.82 -6.78 14.82
CA ALA A 184 6.40 -6.54 14.97
C ALA A 184 6.17 -5.62 16.21
N ASP A 185 4.92 -5.47 16.70
CA ASP A 185 4.67 -4.63 17.84
C ASP A 185 3.42 -5.14 18.53
N PHE A 186 3.61 -5.76 19.69
CA PHE A 186 2.49 -6.26 20.45
C PHE A 186 2.29 -5.41 21.68
N GLY A 187 2.40 -4.10 21.52
CA GLY A 187 2.21 -3.18 22.62
C GLY A 187 0.99 -2.30 22.40
N LEU A 188 1.03 -1.13 22.99
CA LEU A 188 -0.04 -0.16 22.88
C LEU A 188 -0.26 0.29 21.44
N ALA A 189 -1.43 0.89 21.13
CA ALA A 189 -1.70 1.45 19.80
C ALA A 189 -0.61 2.45 19.45
N ARG A 190 -0.09 2.33 18.25
CA ARG A 190 1.00 3.18 17.80
CA ARG A 190 0.99 3.17 17.78
C ARG A 190 0.58 4.62 17.57
N VAL A 191 1.35 5.55 18.15
CA VAL A 191 1.06 6.97 17.96
C VAL A 191 2.12 7.61 17.08
N MET A 192 1.72 8.65 16.36
CA MET A 192 2.61 9.35 15.46
C MET A 192 3.65 10.23 16.17
N TYR A 193 3.26 10.98 17.22
CA TYR A 193 4.15 11.93 17.89
C TYR A 193 4.72 11.49 19.22
N ASP A 194 6.04 11.78 19.45
CA ASP A 194 6.70 11.41 20.69
C ASP A 194 6.00 12.00 21.91
N LYS A 195 5.52 13.25 21.80
CA LYS A 195 4.80 13.89 22.94
C LYS A 195 3.55 13.07 23.28
N GLU A 196 2.86 12.56 22.27
CA GLU A 196 1.65 11.76 22.48
C GLU A 196 2.02 10.38 23.07
N TYR A 197 3.15 9.80 22.67
CA TYR A 197 3.65 8.53 23.18
C TYR A 197 3.84 8.60 24.69
N TYR A 198 4.43 9.69 25.17
CA TYR A 198 4.63 9.89 26.61
C TYR A 198 3.31 10.15 27.31
N SER A 199 2.47 11.01 26.73
CA SER A 199 1.18 11.36 27.31
C SER A 199 0.27 10.13 27.45
N VAL A 200 0.26 9.23 26.45
CA VAL A 200 -0.56 8.02 26.48
C VAL A 200 -0.06 7.03 27.54
N HIS A 201 1.25 6.79 27.62
CA HIS A 201 1.81 5.89 28.65
C HIS A 201 1.42 6.38 30.07
N ASN A 202 1.46 7.71 30.28
CA ASN A 202 1.08 8.29 31.57
C ASN A 202 -0.43 8.11 31.84
N LYS A 203 -1.27 8.37 30.84
CA LYS A 203 -2.73 8.23 30.98
C LYS A 203 -3.24 6.80 31.19
N THR A 204 -2.63 5.79 30.53
CA THR A 204 -3.12 4.42 30.61
C THR A 204 -2.38 3.52 31.59
N GLY A 205 -1.25 3.97 32.11
CA GLY A 205 -0.44 3.13 32.99
C GLY A 205 0.54 2.23 32.25
N ALA A 206 0.51 2.20 30.90
CA ALA A 206 1.43 1.39 30.08
C ALA A 206 2.88 1.74 30.42
N LYS A 207 3.73 0.71 30.52
CA LYS A 207 5.12 0.92 30.92
C LYS A 207 6.01 1.48 29.82
N LEU A 208 6.88 2.44 30.15
CA LEU A 208 7.87 2.94 29.20
C LEU A 208 8.95 1.84 29.10
N PRO A 209 9.48 1.57 27.90
CA PRO A 209 10.52 0.51 27.79
C PRO A 209 11.91 1.05 28.14
N VAL A 210 12.04 1.57 29.35
CA VAL A 210 13.23 2.23 29.89
C VAL A 210 14.53 1.50 29.63
N LYS A 211 14.57 0.20 29.91
CA LYS A 211 15.77 -0.59 29.78
C LYS A 211 16.16 -0.92 28.33
N TRP A 212 15.35 -0.49 27.35
CA TRP A 212 15.70 -0.61 25.92
C TRP A 212 15.97 0.79 25.28
N MET A 213 15.72 1.86 26.04
CA MET A 213 15.79 3.21 25.54
C MET A 213 17.18 3.82 25.51
N ALA A 214 17.46 4.59 24.45
CA ALA A 214 18.75 5.27 24.33
C ALA A 214 18.85 6.34 25.40
N LEU A 215 20.07 6.65 25.82
CA LEU A 215 20.29 7.71 26.81
C LEU A 215 19.59 9.05 26.46
N GLU A 216 19.67 9.48 25.20
CA GLU A 216 19.04 10.73 24.78
C GLU A 216 17.52 10.66 24.75
N SER A 217 16.95 9.47 24.56
CA SER A 217 15.50 9.28 24.66
C SER A 217 15.05 9.39 26.11
N LEU A 218 15.82 8.84 27.05
CA LEU A 218 15.48 8.93 28.47
C LEU A 218 15.51 10.41 28.92
N GLN A 219 16.54 11.14 28.53
CA GLN A 219 16.70 12.53 28.94
C GLN A 219 15.84 13.54 28.19
N THR A 220 15.57 13.33 26.88
CA THR A 220 14.86 14.34 26.08
C THR A 220 13.46 13.94 25.63
N GLN A 221 13.06 12.68 25.85
CA GLN A 221 11.74 12.18 25.48
C GLN A 221 11.51 12.16 23.97
N LYS A 222 12.58 11.98 23.20
CA LYS A 222 12.48 11.93 21.75
C LYS A 222 13.06 10.60 21.24
N PHE A 223 12.55 10.10 20.12
CA PHE A 223 13.01 8.84 19.51
C PHE A 223 13.37 9.09 18.07
N THR A 224 14.36 8.35 17.57
CA THR A 224 14.81 8.43 16.18
C THR A 224 15.25 7.04 15.73
N THR A 225 15.67 6.87 14.45
CA THR A 225 16.26 5.63 14.00
C THR A 225 17.56 5.35 14.79
N LYS A 226 18.30 6.42 15.21
CA LYS A 226 19.50 6.21 16.03
C LYS A 226 19.17 5.66 17.44
N SER A 227 18.00 6.00 18.01
CA SER A 227 17.58 5.40 19.27
C SER A 227 17.04 3.97 19.05
N ASP A 228 16.49 3.67 17.84
CA ASP A 228 16.12 2.27 17.51
C ASP A 228 17.42 1.43 17.42
N VAL A 229 18.54 2.01 16.94
CA VAL A 229 19.83 1.26 16.92
C VAL A 229 20.26 0.91 18.34
N TRP A 230 20.07 1.81 19.33
CA TRP A 230 20.39 1.50 20.73
C TRP A 230 19.53 0.30 21.19
N SER A 231 18.21 0.35 20.93
CA SER A 231 17.31 -0.75 21.33
C SER A 231 17.73 -2.06 20.68
N PHE A 232 18.17 -2.00 19.42
CA PHE A 232 18.66 -3.17 18.69
C PHE A 232 19.85 -3.78 19.42
N GLY A 233 20.76 -2.95 19.94
CA GLY A 233 21.89 -3.47 20.71
C GLY A 233 21.43 -4.22 21.95
N VAL A 234 20.38 -3.70 22.64
CA VAL A 234 19.83 -4.41 23.79
C VAL A 234 19.21 -5.72 23.36
N LEU A 235 18.51 -5.71 22.21
CA LEU A 235 17.90 -6.92 21.66
C LEU A 235 18.99 -7.98 21.37
N LEU A 236 20.15 -7.57 20.81
CA LEU A 236 21.25 -8.53 20.57
C LEU A 236 21.72 -9.14 21.89
N TRP A 237 21.80 -8.33 22.96
CA TRP A 237 22.17 -8.82 24.27
C TRP A 237 21.11 -9.81 24.79
N GLU A 238 19.80 -9.53 24.58
CA GLU A 238 18.74 -10.48 24.98
C GLU A 238 18.94 -11.81 24.23
N LEU A 239 19.26 -11.73 22.93
CA LEU A 239 19.51 -12.93 22.15
C LEU A 239 20.66 -13.76 22.67
N MET A 240 21.80 -13.12 22.96
CA MET A 240 22.98 -13.82 23.38
C MET A 240 22.90 -14.35 24.80
N THR A 241 21.97 -13.87 25.64
CA THR A 241 21.77 -14.42 26.96
C THR A 241 20.55 -15.37 27.01
N ARG A 242 19.97 -15.72 25.87
CA ARG A 242 18.72 -16.49 25.76
C ARG A 242 17.61 -15.88 26.61
N GLY A 243 17.40 -14.57 26.42
CA GLY A 243 16.30 -13.88 27.04
C GLY A 243 16.42 -13.43 28.46
N ALA A 244 17.66 -13.16 28.94
CA ALA A 244 17.81 -12.60 30.29
C ALA A 244 17.25 -11.17 30.33
N PRO A 245 16.65 -10.79 31.47
CA PRO A 245 16.18 -9.40 31.58
C PRO A 245 17.38 -8.45 31.65
N PRO A 246 17.41 -7.38 30.83
CA PRO A 246 18.57 -6.45 30.90
C PRO A 246 18.58 -5.64 32.19
N TYR A 247 19.77 -5.38 32.76
CA TYR A 247 19.93 -4.61 34.03
C TYR A 247 18.87 -5.00 35.08
N PRO A 248 18.72 -6.30 35.37
CA PRO A 248 17.68 -6.72 36.33
C PRO A 248 17.82 -6.08 37.70
N ASP A 249 19.07 -5.83 38.11
CA ASP A 249 19.40 -5.23 39.38
C ASP A 249 19.43 -3.69 39.37
N VAL A 250 19.13 -3.06 38.23
CA VAL A 250 19.12 -1.59 38.17
C VAL A 250 17.71 -1.12 38.08
N ASN A 251 17.24 -0.33 39.06
CA ASN A 251 15.90 0.22 39.02
C ASN A 251 15.75 1.11 37.77
N THR A 252 14.58 1.11 37.14
CA THR A 252 14.31 1.90 35.94
C THR A 252 14.68 3.39 36.16
N PHE A 253 14.38 3.91 37.37
CA PHE A 253 14.67 5.28 37.73
C PHE A 253 16.15 5.55 38.01
N ASP A 254 17.00 4.52 38.04
CA ASP A 254 18.44 4.66 38.23
C ASP A 254 19.26 4.33 36.96
N ILE A 255 18.58 3.93 35.86
CA ILE A 255 19.20 3.54 34.57
C ILE A 255 19.97 4.73 33.95
N THR A 256 19.38 5.93 33.97
CA THR A 256 20.05 7.11 33.38
C THR A 256 21.43 7.36 34.00
N VAL A 257 21.52 7.38 35.34
CA VAL A 257 22.79 7.60 36.04
C VAL A 257 23.76 6.48 35.72
N TYR A 258 23.26 5.22 35.66
CA TYR A 258 24.07 4.06 35.34
C TYR A 258 24.71 4.24 33.95
N LEU A 259 23.93 4.70 32.96
CA LEU A 259 24.45 4.91 31.60
C LEU A 259 25.41 6.11 31.56
N LEU A 260 25.09 7.17 32.30
CA LEU A 260 25.93 8.38 32.39
C LEU A 260 27.31 8.08 33.00
N GLN A 261 27.41 7.05 33.86
CA GLN A 261 28.70 6.64 34.42
C GLN A 261 29.58 5.86 33.42
N GLY A 262 29.10 5.69 32.19
CA GLY A 262 29.80 4.93 31.16
C GLY A 262 29.61 3.44 31.28
N ARG A 263 28.65 2.99 32.11
CA ARG A 263 28.44 1.57 32.33
C ARG A 263 27.41 1.06 31.32
N ARG A 264 27.57 -0.20 30.94
CA ARG A 264 26.71 -0.86 29.96
C ARG A 264 26.40 -2.29 30.38
N LEU A 265 25.49 -2.96 29.63
CA LEU A 265 25.23 -4.40 29.81
C LEU A 265 26.52 -5.16 29.60
N LEU A 266 26.83 -6.08 30.51
CA LEU A 266 28.08 -6.82 30.45
C LEU A 266 28.04 -7.88 29.37
N GLN A 267 29.21 -8.25 28.88
CA GLN A 267 29.31 -9.23 27.83
C GLN A 267 28.78 -10.59 28.25
N PRO A 268 27.74 -11.08 27.55
CA PRO A 268 27.22 -12.43 27.85
C PRO A 268 28.32 -13.49 27.68
N GLU A 269 28.26 -14.55 28.48
CA GLU A 269 29.23 -15.63 28.42
C GLU A 269 29.42 -16.22 27.01
N TYR A 270 28.33 -16.42 26.27
CA TYR A 270 28.42 -17.02 24.95
C TYR A 270 28.41 -16.02 23.78
N CYS A 271 28.54 -14.74 24.08
CA CYS A 271 28.58 -13.72 23.06
C CYS A 271 30.01 -13.58 22.56
N PRO A 272 30.25 -13.83 21.27
CA PRO A 272 31.61 -13.62 20.74
C PRO A 272 32.05 -12.16 20.86
N ASP A 273 33.37 -11.93 21.03
CA ASP A 273 33.91 -10.57 21.17
C ASP A 273 33.49 -9.61 20.05
N PRO A 274 33.63 -9.96 18.75
CA PRO A 274 33.19 -9.02 17.70
C PRO A 274 31.71 -8.62 17.81
N LEU A 275 30.84 -9.52 18.33
CA LEU A 275 29.42 -9.18 18.44
C LEU A 275 29.18 -8.26 19.63
N TYR A 276 29.94 -8.45 20.74
CA TYR A 276 29.80 -7.52 21.87
C TYR A 276 30.31 -6.14 21.49
N GLU A 277 31.33 -6.07 20.60
CA GLU A 277 31.84 -4.78 20.13
C GLU A 277 30.71 -4.09 19.32
N VAL A 278 29.93 -4.84 18.53
CA VAL A 278 28.76 -4.27 17.82
C VAL A 278 27.76 -3.71 18.83
N MET A 279 27.46 -4.47 19.89
CA MET A 279 26.56 -3.96 20.94
C MET A 279 27.06 -2.61 21.53
N LEU A 280 28.36 -2.52 21.89
CA LEU A 280 28.90 -1.28 22.45
C LEU A 280 28.74 -0.10 21.50
N LYS A 281 28.95 -0.34 20.20
CA LYS A 281 28.75 0.71 19.20
C LYS A 281 27.26 1.15 19.12
N CYS A 282 26.33 0.21 19.33
CA CYS A 282 24.90 0.53 19.34
C CYS A 282 24.56 1.43 20.51
N TRP A 283 25.31 1.30 21.62
CA TRP A 283 25.03 2.10 22.82
C TRP A 283 26.03 3.27 22.95
N HIS A 284 26.56 3.77 21.83
CA HIS A 284 27.46 4.94 21.86
C HIS A 284 26.69 6.14 22.45
N PRO A 285 27.28 6.86 23.42
CA PRO A 285 26.56 8.02 24.01
C PRO A 285 26.20 9.10 22.98
N LYS A 286 26.93 9.20 21.87
CA LYS A 286 26.63 10.19 20.83
C LYS A 286 25.84 9.47 19.73
N ALA A 287 24.54 9.76 19.63
CA ALA A 287 23.64 9.10 18.68
C ALA A 287 24.18 9.09 17.25
N GLU A 288 24.75 10.23 16.82
CA GLU A 288 25.28 10.33 15.45
C GLU A 288 26.47 9.41 15.19
N MET A 289 27.11 8.87 16.26
CA MET A 289 28.25 7.98 16.07
C MET A 289 27.87 6.49 16.02
N ARG A 290 26.58 6.17 16.27
CA ARG A 290 26.13 4.78 16.20
C ARG A 290 26.11 4.33 14.75
N PRO A 291 26.33 3.04 14.50
CA PRO A 291 26.23 2.55 13.12
C PRO A 291 24.78 2.63 12.64
N SER A 292 24.59 2.67 11.33
CA SER A 292 23.26 2.61 10.74
C SER A 292 22.83 1.14 10.73
N PHE A 293 21.53 0.88 10.43
CA PHE A 293 21.09 -0.51 10.29
C PHE A 293 21.78 -1.17 9.10
N SER A 294 22.11 -0.41 8.05
CA SER A 294 22.83 -1.01 6.91
C SER A 294 24.23 -1.51 7.36
N GLU A 295 24.95 -0.70 8.14
CA GLU A 295 26.28 -1.10 8.65
CA GLU A 295 26.28 -1.10 8.65
C GLU A 295 26.14 -2.31 9.57
N LEU A 296 25.07 -2.34 10.39
CA LEU A 296 24.84 -3.47 11.29
C LEU A 296 24.59 -4.74 10.49
N VAL A 297 23.81 -4.67 9.40
CA VAL A 297 23.58 -5.85 8.55
C VAL A 297 24.90 -6.34 7.96
N SER A 298 25.72 -5.40 7.43
CA SER A 298 27.03 -5.78 6.87
C SER A 298 27.94 -6.44 7.91
N ARG A 299 28.07 -5.82 9.07
CA ARG A 299 28.92 -6.31 10.13
C ARG A 299 28.45 -7.66 10.70
N ILE A 300 27.15 -7.79 11.04
CA ILE A 300 26.63 -9.03 11.59
C ILE A 300 26.69 -10.14 10.56
N SER A 301 26.47 -9.83 9.26
CA SER A 301 26.60 -10.88 8.21
C SER A 301 28.04 -11.42 8.19
N ALA A 302 29.04 -10.53 8.33
CA ALA A 302 30.43 -10.94 8.35
C ALA A 302 30.73 -11.84 9.55
N ILE A 303 30.24 -11.47 10.76
CA ILE A 303 30.45 -12.29 11.94
C ILE A 303 29.76 -13.64 11.79
N PHE A 304 28.49 -13.64 11.35
CA PHE A 304 27.72 -14.85 11.17
C PHE A 304 28.40 -15.80 10.16
N SER A 305 29.10 -15.24 9.17
CA SER A 305 29.80 -16.03 8.13
C SER A 305 30.96 -16.88 8.69
N THR A 306 31.46 -16.54 9.88
CA THR A 306 32.53 -17.26 10.55
C THR A 306 32.01 -18.36 11.51
N PHE A 307 30.69 -18.49 11.69
CA PHE A 307 30.15 -19.54 12.54
C PHE A 307 29.77 -20.73 11.69
N ILE A 308 30.20 -21.92 12.10
CA ILE A 308 29.95 -23.18 11.43
C ILE A 308 28.73 -23.90 12.03
N GLY A 309 27.82 -24.35 11.19
CA GLY A 309 26.63 -25.07 11.64
C GLY A 309 25.41 -24.83 10.74
N ALA B 20 2.41 23.95 5.19
CA ALA B 20 0.95 24.12 5.17
C ALA B 20 0.19 22.79 5.01
N LEU B 21 0.86 21.75 4.47
CA LEU B 21 0.22 20.44 4.29
C LEU B 21 -0.03 19.81 5.64
N ASN B 22 -1.20 19.14 5.79
CA ASN B 22 -1.62 18.42 7.00
C ASN B 22 -0.56 17.40 7.40
N PRO B 23 -0.17 17.38 8.67
CA PRO B 23 0.92 16.48 9.09
C PRO B 23 0.65 14.97 8.99
N GLU B 24 -0.55 14.49 9.36
CA GLU B 24 -0.91 13.07 9.29
C GLU B 24 -0.87 12.59 7.82
N LEU B 25 -1.32 13.45 6.89
CA LEU B 25 -1.34 13.12 5.48
C LEU B 25 0.05 13.02 4.91
N VAL B 26 0.97 13.94 5.29
CA VAL B 26 2.36 13.90 4.84
C VAL B 26 3.03 12.59 5.30
N GLN B 27 2.74 12.18 6.54
CA GLN B 27 3.29 10.93 7.05
C GLN B 27 2.69 9.73 6.33
N ALA B 28 1.38 9.76 6.09
CA ALA B 28 0.71 8.65 5.43
C ALA B 28 1.16 8.50 3.99
N VAL B 29 1.54 9.62 3.29
CA VAL B 29 1.93 9.48 1.87
C VAL B 29 3.41 9.20 1.66
N GLN B 30 4.23 9.27 2.72
CA GLN B 30 5.69 9.07 2.61
C GLN B 30 6.10 7.83 1.80
N HIS B 31 5.44 6.67 2.07
CA HIS B 31 5.71 5.43 1.34
C HIS B 31 5.43 5.50 -0.16
N VAL B 32 4.65 6.50 -0.61
CA VAL B 32 4.38 6.69 -2.04
C VAL B 32 5.46 7.56 -2.70
N VAL B 33 6.12 8.39 -1.92
CA VAL B 33 7.08 9.37 -2.45
C VAL B 33 8.40 8.76 -2.87
N ILE B 34 8.83 9.11 -4.08
CA ILE B 34 10.15 8.77 -4.59
C ILE B 34 10.84 10.10 -4.95
N GLY B 35 12.15 10.09 -4.88
CA GLY B 35 12.91 11.29 -5.13
C GLY B 35 14.16 11.06 -5.94
N PRO B 36 15.02 12.09 -5.96
CA PRO B 36 16.24 12.00 -6.80
C PRO B 36 17.26 10.95 -6.36
N SER B 37 17.11 10.36 -5.15
CA SER B 37 18.01 9.26 -4.78
C SER B 37 17.74 7.98 -5.59
N SER B 38 16.59 7.92 -6.32
CA SER B 38 16.33 6.75 -7.15
C SER B 38 15.81 7.07 -8.54
N LEU B 39 15.23 8.26 -8.73
CA LEU B 39 14.62 8.60 -10.00
C LEU B 39 15.37 9.68 -10.78
N ILE B 40 15.58 9.44 -12.08
CA ILE B 40 16.14 10.40 -13.01
C ILE B 40 15.05 10.78 -13.99
N VAL B 41 14.63 12.05 -14.03
CA VAL B 41 13.57 12.47 -14.96
C VAL B 41 14.24 13.10 -16.20
N HIS B 42 13.95 12.59 -17.40
CA HIS B 42 14.55 13.10 -18.63
C HIS B 42 13.69 14.21 -19.20
N PHE B 43 13.81 15.41 -18.62
CA PHE B 43 12.95 16.54 -18.96
C PHE B 43 13.03 16.98 -20.44
N ASN B 44 14.04 16.53 -21.17
CA ASN B 44 14.16 16.83 -22.59
C ASN B 44 13.56 15.77 -23.52
N GLU B 45 13.12 14.62 -22.97
CA GLU B 45 12.51 13.55 -23.74
C GLU B 45 11.01 13.47 -23.44
N VAL B 46 10.22 14.25 -24.19
CA VAL B 46 8.77 14.32 -24.03
C VAL B 46 8.05 13.14 -24.70
N ILE B 47 7.20 12.46 -23.94
CA ILE B 47 6.38 11.36 -24.44
C ILE B 47 5.07 11.94 -24.98
N GLY B 48 4.47 12.89 -24.25
CA GLY B 48 3.22 13.50 -24.68
C GLY B 48 2.76 14.67 -23.83
N ARG B 49 1.68 15.31 -24.24
CA ARG B 49 1.14 16.46 -23.53
C ARG B 49 -0.39 16.38 -23.45
N GLY B 50 -0.96 17.18 -22.56
CA GLY B 50 -2.40 17.25 -22.39
C GLY B 50 -2.81 18.41 -21.52
N HIS B 51 -4.09 18.43 -21.13
CA HIS B 51 -4.65 19.49 -20.29
C HIS B 51 -4.09 19.49 -18.85
N PHE B 52 -3.55 18.36 -18.43
CA PHE B 52 -2.98 18.18 -17.10
C PHE B 52 -1.53 18.70 -17.02
N GLY B 53 -0.81 18.70 -18.13
CA GLY B 53 0.59 19.06 -18.15
C GLY B 53 1.36 18.33 -19.23
N CYS B 54 2.40 17.55 -18.84
CA CYS B 54 3.31 16.89 -19.79
C CYS B 54 3.80 15.51 -19.26
N VAL B 55 4.25 14.63 -20.13
CA VAL B 55 4.79 13.33 -19.75
C VAL B 55 6.21 13.24 -20.29
N TYR B 56 7.16 12.86 -19.44
CA TYR B 56 8.58 12.72 -19.80
C TYR B 56 9.04 11.27 -19.63
N HIS B 57 10.12 10.89 -20.31
CA HIS B 57 10.74 9.59 -20.06
C HIS B 57 11.46 9.71 -18.68
N GLY B 58 11.62 8.59 -18.00
CA GLY B 58 12.30 8.54 -16.71
C GLY B 58 12.98 7.22 -16.48
N THR B 59 13.93 7.19 -15.52
CA THR B 59 14.65 5.97 -15.18
C THR B 59 14.66 5.84 -13.67
N LEU B 60 14.19 4.72 -13.16
CA LEU B 60 14.13 4.45 -11.74
C LEU B 60 15.19 3.41 -11.40
N LEU B 61 16.05 3.69 -10.43
CA LEU B 61 17.12 2.78 -10.05
C LEU B 61 16.77 2.04 -8.78
N ASP B 62 17.09 0.74 -8.71
CA ASP B 62 16.88 0.00 -7.47
C ASP B 62 18.17 0.06 -6.61
N ASN B 63 18.19 -0.55 -5.41
CA ASN B 63 19.36 -0.51 -4.53
C ASN B 63 20.63 -1.18 -5.13
N ASP B 64 20.48 -1.90 -6.26
CA ASP B 64 21.61 -2.52 -6.94
C ASP B 64 22.00 -1.81 -8.25
N GLY B 65 21.36 -0.68 -8.56
CA GLY B 65 21.64 0.04 -9.80
C GLY B 65 20.83 -0.42 -10.99
N LYS B 66 19.95 -1.44 -10.83
CA LYS B 66 19.13 -1.92 -11.94
C LYS B 66 18.16 -0.83 -12.38
N LYS B 67 18.07 -0.60 -13.69
CA LYS B 67 17.21 0.45 -14.21
C LYS B 67 15.83 0.00 -14.66
N ILE B 68 14.83 0.79 -14.32
CA ILE B 68 13.43 0.58 -14.64
C ILE B 68 12.99 1.75 -15.50
N HIS B 69 12.51 1.47 -16.72
CA HIS B 69 12.07 2.54 -17.61
C HIS B 69 10.68 2.96 -17.15
N CYS B 70 10.49 4.26 -16.97
CA CYS B 70 9.19 4.76 -16.57
C CYS B 70 8.77 5.99 -17.35
N ALA B 71 7.49 6.31 -17.27
CA ALA B 71 6.89 7.51 -17.81
C ALA B 71 6.62 8.38 -16.57
N VAL B 72 6.99 9.67 -16.65
CA VAL B 72 6.86 10.62 -15.57
C VAL B 72 5.87 11.70 -15.99
N LYS B 73 4.70 11.68 -15.38
CA LYS B 73 3.63 12.60 -15.69
C LYS B 73 3.68 13.79 -14.76
N SER B 74 3.79 14.99 -15.33
CA SER B 74 3.83 16.25 -14.59
C SER B 74 2.40 16.79 -14.49
N LEU B 75 1.95 17.08 -13.28
CA LEU B 75 0.61 17.61 -13.07
C LEU B 75 0.68 19.09 -12.75
N ASN B 76 0.81 19.91 -13.80
CA ASN B 76 1.06 21.34 -13.70
C ASN B 76 -0.06 22.18 -13.07
N ARG B 77 -1.28 21.63 -12.92
CA ARG B 77 -2.36 22.37 -12.26
C ARG B 77 -2.39 22.15 -10.76
N ILE B 78 -1.64 21.16 -10.21
CA ILE B 78 -1.76 20.83 -8.80
C ILE B 78 -0.87 21.71 -7.95
N THR B 79 -1.37 22.90 -7.55
CA THR B 79 -0.57 23.88 -6.81
C THR B 79 -1.13 24.34 -5.46
N ASP B 80 -2.45 24.57 -5.36
CA ASP B 80 -3.01 25.05 -4.09
C ASP B 80 -3.16 23.92 -3.04
N ILE B 81 -3.26 24.29 -1.77
CA ILE B 81 -3.36 23.36 -0.64
C ILE B 81 -4.36 22.20 -0.85
N GLY B 82 -5.56 22.51 -1.34
CA GLY B 82 -6.60 21.52 -1.58
C GLY B 82 -6.25 20.56 -2.71
N GLU B 83 -5.72 21.09 -3.82
CA GLU B 83 -5.35 20.24 -4.96
C GLU B 83 -4.20 19.29 -4.54
N VAL B 84 -3.17 19.82 -3.87
CA VAL B 84 -2.06 18.98 -3.42
C VAL B 84 -2.53 17.91 -2.44
N SER B 85 -3.38 18.27 -1.46
CA SER B 85 -3.84 17.28 -0.48
C SER B 85 -4.63 16.15 -1.16
N GLN B 86 -5.49 16.48 -2.14
CA GLN B 86 -6.27 15.51 -2.90
CA GLN B 86 -6.24 15.44 -2.83
C GLN B 86 -5.29 14.61 -3.70
N PHE B 87 -4.23 15.21 -4.26
CA PHE B 87 -3.24 14.46 -5.02
C PHE B 87 -2.53 13.43 -4.10
N LEU B 88 -2.16 13.82 -2.87
CA LEU B 88 -1.48 12.88 -1.95
C LEU B 88 -2.44 11.75 -1.54
N THR B 89 -3.73 12.05 -1.35
CA THR B 89 -4.76 11.06 -1.03
C THR B 89 -4.86 10.07 -2.20
N GLU B 90 -4.91 10.59 -3.43
CA GLU B 90 -5.03 9.73 -4.62
C GLU B 90 -3.78 8.86 -4.77
N GLY B 91 -2.60 9.41 -4.44
CA GLY B 91 -1.37 8.63 -4.46
C GLY B 91 -1.43 7.44 -3.51
N ILE B 92 -1.94 7.64 -2.28
CA ILE B 92 -2.07 6.58 -1.30
C ILE B 92 -3.02 5.47 -1.80
N ILE B 93 -4.15 5.87 -2.37
CA ILE B 93 -5.11 4.91 -2.91
C ILE B 93 -4.48 4.06 -4.02
N MET B 94 -3.84 4.73 -5.00
CA MET B 94 -3.34 4.00 -6.18
C MET B 94 -2.01 3.29 -5.97
N LYS B 95 -1.25 3.68 -4.93
CA LYS B 95 0.01 2.97 -4.63
C LYS B 95 -0.29 1.50 -4.23
N ASP B 96 -1.49 1.23 -3.71
CA ASP B 96 -1.95 -0.10 -3.29
C ASP B 96 -2.23 -1.02 -4.49
N PHE B 97 -2.52 -0.44 -5.68
CA PHE B 97 -2.83 -1.26 -6.85
C PHE B 97 -1.76 -2.28 -7.18
N SER B 98 -2.19 -3.55 -7.30
CA SER B 98 -1.33 -4.63 -7.74
C SER B 98 -2.21 -5.65 -8.52
N HIS B 99 -2.27 -5.53 -9.85
CA HIS B 99 -3.06 -6.47 -10.67
C HIS B 99 -2.45 -6.45 -12.08
N PRO B 100 -2.34 -7.59 -12.77
CA PRO B 100 -1.69 -7.57 -14.10
C PRO B 100 -2.35 -6.71 -15.14
N ASN B 101 -3.63 -6.35 -14.94
CA ASN B 101 -4.33 -5.52 -15.91
C ASN B 101 -4.64 -4.12 -15.40
N VAL B 102 -3.86 -3.66 -14.42
CA VAL B 102 -3.99 -2.31 -13.87
C VAL B 102 -2.58 -1.73 -13.88
N LEU B 103 -2.42 -0.51 -14.41
CA LEU B 103 -1.10 0.12 -14.44
C LEU B 103 -0.69 0.48 -13.00
N SER B 104 0.49 0.00 -12.57
CA SER B 104 0.97 0.28 -11.23
C SER B 104 1.40 1.72 -11.07
N LEU B 105 1.31 2.23 -9.83
CA LEU B 105 1.85 3.53 -9.51
C LEU B 105 3.21 3.22 -8.89
N LEU B 106 4.30 3.60 -9.56
CA LEU B 106 5.65 3.36 -8.98
C LEU B 106 5.92 4.31 -7.84
N GLY B 107 5.42 5.54 -7.96
CA GLY B 107 5.57 6.54 -6.91
C GLY B 107 5.18 7.92 -7.37
N ILE B 108 5.21 8.89 -6.46
CA ILE B 108 4.96 10.27 -6.78
C ILE B 108 6.15 11.11 -6.34
N CYS B 109 6.30 12.31 -6.90
CA CYS B 109 7.34 13.23 -6.45
C CYS B 109 6.65 14.46 -5.97
N LEU B 110 6.96 14.91 -4.77
CA LEU B 110 6.40 16.15 -4.26
C LEU B 110 7.57 17.10 -4.11
N ARG B 111 7.77 17.97 -5.09
CA ARG B 111 8.91 18.88 -5.10
C ARG B 111 8.55 20.22 -4.51
N SER B 112 9.54 20.90 -3.92
CA SER B 112 9.32 22.30 -3.47
C SER B 112 9.52 23.27 -4.66
N GLU B 113 10.14 22.81 -5.76
CA GLU B 113 10.37 23.55 -7.00
C GLU B 113 9.90 22.67 -8.14
N GLY B 114 8.76 23.02 -8.71
CA GLY B 114 8.22 22.25 -9.83
C GLY B 114 6.92 21.56 -9.47
N SER B 115 6.14 21.22 -10.50
CA SER B 115 4.86 20.57 -10.30
C SER B 115 5.02 19.12 -9.81
N PRO B 116 4.00 18.58 -9.12
CA PRO B 116 4.07 17.19 -8.64
C PRO B 116 4.18 16.23 -9.83
N LEU B 117 4.90 15.12 -9.64
CA LEU B 117 5.09 14.14 -10.69
C LEU B 117 4.48 12.78 -10.30
N VAL B 118 3.99 12.06 -11.28
CA VAL B 118 3.44 10.72 -11.12
C VAL B 118 4.36 9.81 -11.89
N VAL B 119 4.87 8.76 -11.25
CA VAL B 119 5.81 7.85 -11.90
C VAL B 119 5.14 6.53 -12.18
N LEU B 120 5.12 6.14 -13.45
CA LEU B 120 4.43 4.93 -13.88
C LEU B 120 5.35 4.05 -14.69
N PRO B 121 5.12 2.73 -14.71
CA PRO B 121 5.92 1.88 -15.61
C PRO B 121 5.76 2.30 -17.07
N TYR B 122 6.86 2.32 -17.83
CA TYR B 122 6.81 2.67 -19.25
C TYR B 122 6.03 1.60 -20.01
N MET B 123 5.16 2.04 -20.91
CA MET B 123 4.31 1.14 -21.69
C MET B 123 4.71 1.22 -23.15
N LYS B 124 5.51 0.26 -23.59
CA LYS B 124 6.11 0.20 -24.92
C LYS B 124 5.17 0.48 -26.08
N HIS B 125 3.96 -0.09 -26.07
CA HIS B 125 3.04 0.09 -27.19
C HIS B 125 2.00 1.20 -27.01
N GLY B 126 2.18 2.05 -26.01
CA GLY B 126 1.30 3.17 -25.80
C GLY B 126 -0.14 2.77 -25.53
N ASP B 127 -1.08 3.62 -25.91
CA ASP B 127 -2.50 3.36 -25.63
C ASP B 127 -3.12 2.44 -26.65
N LEU B 128 -4.13 1.73 -26.17
CA LEU B 128 -4.87 0.73 -26.91
C LEU B 128 -5.56 1.32 -28.15
N ARG B 129 -6.13 2.52 -28.05
CA ARG B 129 -6.81 3.14 -29.19
C ARG B 129 -5.84 3.41 -30.35
N ASN B 130 -4.68 4.04 -30.07
CA ASN B 130 -3.69 4.29 -31.14
C ASN B 130 -3.15 2.98 -31.69
N PHE B 131 -2.95 1.99 -30.83
CA PHE B 131 -2.49 0.68 -31.26
C PHE B 131 -3.44 0.03 -32.28
N ILE B 132 -4.75 -0.04 -31.94
CA ILE B 132 -5.71 -0.69 -32.84
C ILE B 132 -6.02 0.16 -34.09
N ARG B 133 -5.81 1.47 -34.03
CA ARG B 133 -6.01 2.35 -35.18
C ARG B 133 -4.85 2.30 -36.18
N ASN B 134 -3.64 1.97 -35.70
CA ASN B 134 -2.46 1.91 -36.55
C ASN B 134 -2.62 0.84 -37.61
N GLU B 135 -2.74 1.29 -38.88
CA GLU B 135 -2.94 0.44 -40.06
C GLU B 135 -1.86 -0.62 -40.28
N THR B 136 -0.67 -0.41 -39.70
CA THR B 136 0.42 -1.39 -39.85
C THR B 136 0.20 -2.61 -38.95
N HIS B 137 -0.44 -2.42 -37.78
CA HIS B 137 -0.74 -3.54 -36.89
C HIS B 137 -1.96 -4.27 -37.43
N ASN B 138 -2.04 -5.57 -37.20
CA ASN B 138 -3.17 -6.36 -37.67
C ASN B 138 -3.68 -7.34 -36.60
N PRO B 139 -4.20 -6.86 -35.44
CA PRO B 139 -4.71 -7.82 -34.44
C PRO B 139 -5.98 -8.48 -34.97
N THR B 140 -6.11 -9.78 -34.74
CA THR B 140 -7.28 -10.52 -35.20
C THR B 140 -8.48 -10.22 -34.29
N VAL B 141 -9.70 -10.67 -34.64
CA VAL B 141 -10.88 -10.48 -33.79
C VAL B 141 -10.65 -11.18 -32.43
N LYS B 142 -10.02 -12.36 -32.44
CA LYS B 142 -9.65 -13.09 -31.22
C LYS B 142 -8.74 -12.22 -30.33
N ASP B 143 -7.71 -11.56 -30.92
CA ASP B 143 -6.83 -10.67 -30.18
C ASP B 143 -7.61 -9.53 -29.54
N LEU B 144 -8.56 -8.95 -30.28
CA LEU B 144 -9.35 -7.81 -29.81
C LEU B 144 -10.26 -8.21 -28.64
N ILE B 145 -10.87 -9.41 -28.73
CA ILE B 145 -11.70 -9.93 -27.65
C ILE B 145 -10.81 -10.14 -26.39
N GLY B 146 -9.62 -10.68 -26.61
CA GLY B 146 -8.61 -10.88 -25.56
C GLY B 146 -8.25 -9.58 -24.87
N PHE B 147 -8.11 -8.47 -25.64
CA PHE B 147 -7.85 -7.17 -25.03
C PHE B 147 -9.01 -6.75 -24.13
N GLY B 148 -10.24 -7.00 -24.60
CA GLY B 148 -11.44 -6.65 -23.86
C GLY B 148 -11.55 -7.38 -22.55
N LEU B 149 -11.22 -8.66 -22.57
CA LEU B 149 -11.24 -9.51 -21.39
C LEU B 149 -10.21 -8.99 -20.36
N GLN B 150 -9.02 -8.58 -20.84
CA GLN B 150 -7.98 -8.02 -19.97
C GLN B 150 -8.46 -6.76 -19.29
N VAL B 151 -9.16 -5.90 -20.06
CA VAL B 151 -9.74 -4.70 -19.48
C VAL B 151 -10.78 -5.05 -18.43
N ALA B 152 -11.65 -6.03 -18.73
CA ALA B 152 -12.67 -6.45 -17.76
C ALA B 152 -12.05 -6.96 -16.47
N LYS B 153 -10.94 -7.72 -16.54
CA LYS B 153 -10.27 -8.20 -15.33
C LYS B 153 -9.66 -7.04 -14.48
N GLY B 154 -9.07 -6.05 -15.14
CA GLY B 154 -8.53 -4.88 -14.45
C GLY B 154 -9.63 -4.09 -13.77
N MET B 155 -10.78 -3.94 -14.47
CA MET B 155 -11.92 -3.23 -13.91
C MET B 155 -12.58 -3.98 -12.81
N LYS B 156 -12.61 -5.32 -12.90
CA LYS B 156 -13.16 -6.15 -11.79
C LYS B 156 -12.30 -5.89 -10.52
N TYR B 157 -10.99 -5.78 -10.69
CA TYR B 157 -10.07 -5.47 -9.59
C TYR B 157 -10.37 -4.09 -9.05
N LEU B 158 -10.42 -3.06 -9.91
CA LEU B 158 -10.73 -1.70 -9.44
C LEU B 158 -12.08 -1.62 -8.72
N ALA B 159 -13.13 -2.27 -9.27
CA ALA B 159 -14.45 -2.26 -8.62
C ALA B 159 -14.37 -2.89 -7.24
N SER B 160 -13.58 -3.96 -7.09
CA SER B 160 -13.40 -4.59 -5.78
C SER B 160 -12.80 -3.63 -4.74
N LYS B 161 -12.02 -2.63 -5.20
CA LYS B 161 -11.42 -1.62 -4.31
C LYS B 161 -12.35 -0.40 -4.12
N LYS B 162 -13.60 -0.43 -4.67
CA LYS B 162 -14.50 0.72 -4.68
C LYS B 162 -13.86 1.91 -5.38
N PHE B 163 -13.05 1.63 -6.42
CA PHE B 163 -12.39 2.67 -7.20
C PHE B 163 -13.21 2.90 -8.47
N VAL B 164 -13.82 4.09 -8.57
CA VAL B 164 -14.65 4.48 -9.71
C VAL B 164 -13.75 5.22 -10.70
N HIS B 165 -13.56 4.62 -11.87
CA HIS B 165 -12.64 5.14 -12.84
C HIS B 165 -13.05 6.53 -13.40
N ARG B 166 -14.29 6.65 -13.87
CA ARG B 166 -14.92 7.83 -14.48
C ARG B 166 -14.49 8.08 -15.92
N ASP B 167 -13.31 7.57 -16.35
CA ASP B 167 -12.87 7.87 -17.70
C ASP B 167 -12.34 6.67 -18.45
N LEU B 168 -12.97 5.51 -18.26
CA LEU B 168 -12.57 4.32 -18.98
C LEU B 168 -12.90 4.51 -20.48
N ALA B 169 -11.90 4.27 -21.31
CA ALA B 169 -11.94 4.38 -22.77
C ALA B 169 -10.66 3.71 -23.29
N ALA B 170 -10.62 3.35 -24.59
CA ALA B 170 -9.43 2.69 -25.13
C ALA B 170 -8.18 3.55 -25.03
N ARG B 171 -8.33 4.89 -25.12
CA ARG B 171 -7.19 5.79 -25.01
C ARG B 171 -6.55 5.75 -23.62
N ASN B 172 -7.26 5.26 -22.58
CA ASN B 172 -6.73 5.19 -21.21
C ASN B 172 -6.26 3.79 -20.81
N CYS B 173 -6.19 2.84 -21.75
CA CYS B 173 -5.67 1.51 -21.51
C CYS B 173 -4.36 1.40 -22.22
N MET B 174 -3.33 1.00 -21.54
CA MET B 174 -1.99 0.93 -22.11
C MET B 174 -1.60 -0.50 -22.45
N LEU B 175 -0.63 -0.64 -23.35
CA LEU B 175 -0.12 -1.94 -23.76
C LEU B 175 1.37 -2.02 -23.45
N ASP B 176 1.79 -3.04 -22.72
CA ASP B 176 3.22 -3.20 -22.40
C ASP B 176 3.94 -4.01 -23.52
N GLU B 177 5.24 -4.34 -23.33
CA GLU B 177 6.04 -5.09 -24.31
C GLU B 177 5.51 -6.48 -24.61
N LYS B 178 4.75 -7.06 -23.68
CA LYS B 178 4.16 -8.38 -23.88
C LYS B 178 2.72 -8.32 -24.40
N PHE B 179 2.19 -7.12 -24.72
CA PHE B 179 0.82 -6.90 -25.18
C PHE B 179 -0.21 -7.14 -24.10
N THR B 180 0.18 -6.96 -22.83
CA THR B 180 -0.73 -7.06 -21.69
C THR B 180 -1.34 -5.68 -21.56
N VAL B 181 -2.67 -5.61 -21.49
CA VAL B 181 -3.40 -4.36 -21.35
C VAL B 181 -3.45 -3.95 -19.89
N LYS B 182 -3.20 -2.67 -19.61
CA LYS B 182 -3.25 -2.18 -18.24
C LYS B 182 -4.18 -1.02 -18.25
N VAL B 183 -5.19 -1.02 -17.36
CA VAL B 183 -6.09 0.11 -17.25
C VAL B 183 -5.27 1.26 -16.60
N ALA B 184 -5.41 2.49 -17.11
CA ALA B 184 -4.64 3.62 -16.61
C ALA B 184 -5.51 4.93 -16.74
N ASP B 185 -4.93 6.13 -16.49
CA ASP B 185 -5.65 7.38 -16.66
C ASP B 185 -4.61 8.41 -17.06
N PHE B 186 -4.56 8.75 -18.37
CA PHE B 186 -3.62 9.75 -18.86
C PHE B 186 -4.27 11.11 -19.09
N GLY B 187 -5.21 11.47 -18.22
CA GLY B 187 -5.87 12.75 -18.32
C GLY B 187 -5.64 13.62 -17.10
N LEU B 188 -6.63 14.46 -16.79
CA LEU B 188 -6.56 15.35 -15.64
C LEU B 188 -6.33 14.58 -14.34
N ALA B 189 -5.79 15.25 -13.30
CA ALA B 189 -5.63 14.62 -11.99
C ALA B 189 -7.01 14.16 -11.47
N ARG B 190 -7.04 13.00 -10.79
CA ARG B 190 -8.27 12.47 -10.23
C ARG B 190 -8.77 13.37 -9.15
N VAL B 191 -10.09 13.53 -9.10
CA VAL B 191 -10.76 14.34 -8.09
C VAL B 191 -11.45 13.44 -7.09
N MET B 192 -11.73 13.98 -5.90
CA MET B 192 -12.43 13.21 -4.87
C MET B 192 -13.94 13.17 -5.17
N TYR B 193 -14.54 14.30 -5.50
CA TYR B 193 -15.96 14.41 -5.68
C TYR B 193 -16.36 14.52 -7.12
N ASP B 194 -17.46 13.84 -7.49
CA ASP B 194 -17.96 13.87 -8.85
C ASP B 194 -18.21 15.26 -9.40
N LYS B 195 -18.74 16.19 -8.59
CA LYS B 195 -18.99 17.56 -9.06
C LYS B 195 -17.70 18.26 -9.51
N GLU B 196 -16.56 17.92 -8.90
CA GLU B 196 -15.26 18.51 -9.26
C GLU B 196 -14.79 18.03 -10.62
N TYR B 197 -15.17 16.80 -11.02
CA TYR B 197 -14.79 16.26 -12.32
C TYR B 197 -15.39 17.15 -13.44
N TYR B 198 -16.69 17.50 -13.33
CA TYR B 198 -17.32 18.35 -14.34
C TYR B 198 -16.71 19.77 -14.30
N SER B 199 -16.57 20.35 -13.10
CA SER B 199 -16.01 21.68 -12.89
C SER B 199 -14.60 21.83 -13.49
N VAL B 200 -13.70 20.86 -13.21
CA VAL B 200 -12.32 20.94 -13.70
C VAL B 200 -12.25 20.75 -15.21
N HIS B 201 -13.14 19.94 -15.79
CA HIS B 201 -13.15 19.78 -17.25
C HIS B 201 -13.55 21.13 -17.91
N ASN B 202 -14.53 21.83 -17.33
CA ASN B 202 -15.00 23.12 -17.86
C ASN B 202 -13.91 24.24 -17.73
N LYS B 203 -13.21 24.27 -16.60
CA LYS B 203 -12.14 25.24 -16.34
C LYS B 203 -10.93 25.06 -17.22
N THR B 204 -10.61 23.82 -17.58
CA THR B 204 -9.44 23.52 -18.39
C THR B 204 -9.68 23.45 -19.89
N GLY B 205 -10.94 23.40 -20.30
CA GLY B 205 -11.26 23.20 -21.72
C GLY B 205 -11.08 21.74 -22.15
N ALA B 206 -11.00 20.79 -21.18
CA ALA B 206 -10.90 19.38 -21.54
C ALA B 206 -12.32 18.91 -21.81
N LYS B 207 -12.57 18.30 -22.96
CA LYS B 207 -13.93 17.84 -23.28
C LYS B 207 -14.36 16.70 -22.37
N LEU B 208 -15.61 16.76 -21.89
CA LEU B 208 -16.18 15.63 -21.13
C LEU B 208 -16.33 14.47 -22.12
N PRO B 209 -16.02 13.24 -21.72
CA PRO B 209 -16.13 12.13 -22.67
C PRO B 209 -17.60 11.65 -22.74
N VAL B 210 -18.51 12.57 -23.11
CA VAL B 210 -19.95 12.30 -23.13
C VAL B 210 -20.35 11.06 -23.93
N LYS B 211 -19.63 10.69 -25.02
CA LYS B 211 -19.99 9.49 -25.77
C LYS B 211 -19.56 8.17 -25.09
N TRP B 212 -18.87 8.26 -23.96
CA TRP B 212 -18.50 7.12 -23.16
C TRP B 212 -19.28 7.11 -21.82
N MET B 213 -20.01 8.18 -21.51
CA MET B 213 -20.72 8.27 -20.24
C MET B 213 -22.05 7.55 -20.20
N ALA B 214 -22.38 7.02 -19.01
CA ALA B 214 -23.65 6.39 -18.79
C ALA B 214 -24.74 7.43 -18.83
N LEU B 215 -25.93 7.02 -19.23
CA LEU B 215 -27.11 7.87 -19.30
C LEU B 215 -27.33 8.67 -18.00
N GLU B 216 -27.23 8.02 -16.83
CA GLU B 216 -27.38 8.73 -15.54
C GLU B 216 -26.26 9.75 -15.26
N SER B 217 -25.03 9.52 -15.77
CA SER B 217 -23.96 10.50 -15.58
C SER B 217 -24.19 11.75 -16.46
N LEU B 218 -24.87 11.59 -17.60
CA LEU B 218 -25.19 12.71 -18.45
C LEU B 218 -26.28 13.58 -17.84
N GLN B 219 -27.19 12.99 -17.05
CA GLN B 219 -28.36 13.68 -16.48
C GLN B 219 -28.14 14.20 -15.08
N THR B 220 -27.28 13.54 -14.32
CA THR B 220 -26.95 13.88 -12.95
C THR B 220 -25.40 13.99 -12.88
N GLN B 221 -24.88 14.62 -11.82
CA GLN B 221 -23.41 14.74 -11.73
C GLN B 221 -22.84 13.59 -10.93
N LYS B 222 -22.98 12.35 -11.45
CA LYS B 222 -22.54 11.19 -10.66
C LYS B 222 -21.95 10.05 -11.48
N PHE B 223 -20.98 9.37 -10.87
CA PHE B 223 -20.31 8.22 -11.45
C PHE B 223 -20.26 7.12 -10.40
N THR B 224 -20.44 5.88 -10.84
CA THR B 224 -20.39 4.72 -9.96
C THR B 224 -19.67 3.60 -10.74
N THR B 225 -19.45 2.42 -10.10
CA THR B 225 -18.93 1.29 -10.84
C THR B 225 -19.93 0.91 -11.99
N LYS B 226 -21.24 1.11 -11.76
CA LYS B 226 -22.25 0.83 -12.78
C LYS B 226 -22.12 1.75 -14.01
N SER B 227 -21.68 3.01 -13.82
CA SER B 227 -21.43 3.88 -14.98
C SER B 227 -20.09 3.50 -15.64
N ASP B 228 -19.10 2.92 -14.87
CA ASP B 228 -17.88 2.41 -15.49
C ASP B 228 -18.24 1.22 -16.40
N VAL B 229 -19.24 0.40 -16.01
CA VAL B 229 -19.69 -0.73 -16.85
C VAL B 229 -20.17 -0.22 -18.20
N TRP B 230 -20.94 0.88 -18.20
CA TRP B 230 -21.40 1.51 -19.46
C TRP B 230 -20.20 1.90 -20.34
N SER B 231 -19.20 2.58 -19.75
CA SER B 231 -18.00 3.02 -20.46
C SER B 231 -17.26 1.82 -21.03
N PHE B 232 -17.20 0.71 -20.24
CA PHE B 232 -16.59 -0.55 -20.67
C PHE B 232 -17.26 -1.06 -21.95
N GLY B 233 -18.60 -1.00 -22.03
CA GLY B 233 -19.30 -1.39 -23.24
C GLY B 233 -18.86 -0.57 -24.46
N VAL B 234 -18.66 0.74 -24.29
CA VAL B 234 -18.17 1.60 -25.38
C VAL B 234 -16.74 1.20 -25.76
N LEU B 235 -15.91 0.93 -24.74
CA LEU B 235 -14.53 0.46 -24.99
C LEU B 235 -14.53 -0.86 -25.80
N LEU B 236 -15.43 -1.83 -25.46
CA LEU B 236 -15.55 -3.07 -26.26
C LEU B 236 -15.88 -2.74 -27.73
N TRP B 237 -16.77 -1.78 -27.94
CA TRP B 237 -17.16 -1.34 -29.28
C TRP B 237 -15.97 -0.70 -30.03
N GLU B 238 -15.16 0.15 -29.33
CA GLU B 238 -13.93 0.70 -29.92
C GLU B 238 -12.99 -0.45 -30.31
N LEU B 239 -12.85 -1.47 -29.46
CA LEU B 239 -12.00 -2.60 -29.80
C LEU B 239 -12.47 -3.33 -31.06
N MET B 240 -13.77 -3.62 -31.13
CA MET B 240 -14.32 -4.38 -32.26
C MET B 240 -14.42 -3.57 -33.56
N THR B 241 -14.30 -2.24 -33.50
CA THR B 241 -14.26 -1.41 -34.70
C THR B 241 -12.82 -0.94 -35.03
N ARG B 242 -11.81 -1.41 -34.30
CA ARG B 242 -10.43 -0.94 -34.46
C ARG B 242 -10.30 0.59 -34.27
N GLY B 243 -10.95 1.10 -33.23
CA GLY B 243 -10.86 2.49 -32.82
C GLY B 243 -11.66 3.51 -33.57
N ALA B 244 -12.85 3.14 -34.04
CA ALA B 244 -13.73 4.08 -34.73
C ALA B 244 -14.32 5.03 -33.68
N PRO B 245 -14.63 6.26 -34.08
CA PRO B 245 -15.28 7.18 -33.14
C PRO B 245 -16.75 6.79 -32.94
N PRO B 246 -17.20 6.69 -31.67
CA PRO B 246 -18.60 6.31 -31.44
C PRO B 246 -19.56 7.45 -31.81
N TYR B 247 -20.75 7.08 -32.30
CA TYR B 247 -21.83 7.97 -32.71
C TYR B 247 -21.30 9.14 -33.57
N PRO B 248 -20.65 8.85 -34.71
CA PRO B 248 -20.03 9.93 -35.49
C PRO B 248 -21.02 10.98 -36.00
N ASP B 249 -22.27 10.56 -36.25
CA ASP B 249 -23.31 11.45 -36.74
C ASP B 249 -24.19 12.02 -35.63
N VAL B 250 -23.85 11.82 -34.35
CA VAL B 250 -24.64 12.36 -33.26
C VAL B 250 -23.91 13.55 -32.63
N ASN B 251 -24.60 14.70 -32.53
CA ASN B 251 -24.02 15.89 -31.91
C ASN B 251 -23.81 15.59 -30.43
N THR B 252 -22.65 15.97 -29.85
CA THR B 252 -22.38 15.70 -28.44
C THR B 252 -23.49 16.18 -27.49
N PHE B 253 -24.15 17.31 -27.80
CA PHE B 253 -25.24 17.83 -26.96
C PHE B 253 -26.54 16.98 -27.08
N ASP B 254 -26.67 16.21 -28.16
CA ASP B 254 -27.85 15.40 -28.43
C ASP B 254 -27.73 13.93 -27.98
N ILE B 255 -26.58 13.54 -27.41
CA ILE B 255 -26.38 12.14 -27.01
C ILE B 255 -27.43 11.67 -26.02
N THR B 256 -27.82 12.50 -25.02
CA THR B 256 -28.80 12.06 -24.02
C THR B 256 -30.12 11.68 -24.68
N VAL B 257 -30.61 12.53 -25.57
CA VAL B 257 -31.87 12.25 -26.27
C VAL B 257 -31.75 11.04 -27.16
N TYR B 258 -30.61 10.90 -27.87
CA TYR B 258 -30.38 9.75 -28.74
C TYR B 258 -30.49 8.42 -27.92
N LEU B 259 -29.88 8.39 -26.73
CA LEU B 259 -29.96 7.22 -25.86
C LEU B 259 -31.38 7.01 -25.32
N LEU B 260 -32.07 8.09 -24.94
CA LEU B 260 -33.45 8.03 -24.42
C LEU B 260 -34.46 7.60 -25.48
N GLN B 261 -34.13 7.76 -26.76
CA GLN B 261 -34.94 7.27 -27.86
C GLN B 261 -34.74 5.72 -28.05
N GLY B 262 -33.86 5.10 -27.25
CA GLY B 262 -33.56 3.68 -27.26
C GLY B 262 -32.54 3.27 -28.31
N ARG B 263 -31.74 4.23 -28.80
CA ARG B 263 -30.76 3.94 -29.83
C ARG B 263 -29.40 3.68 -29.18
N ARG B 264 -28.60 2.84 -29.81
CA ARG B 264 -27.29 2.47 -29.27
C ARG B 264 -26.31 2.34 -30.44
N LEU B 265 -25.02 2.16 -30.15
CA LEU B 265 -23.98 1.92 -31.15
C LEU B 265 -24.32 0.65 -31.89
N LEU B 266 -24.13 0.65 -33.20
CA LEU B 266 -24.47 -0.49 -34.02
C LEU B 266 -23.45 -1.59 -33.95
N GLN B 267 -23.88 -2.81 -34.17
CA GLN B 267 -23.02 -3.97 -34.13
C GLN B 267 -21.93 -3.89 -35.17
N PRO B 268 -20.68 -3.85 -34.71
CA PRO B 268 -19.55 -3.80 -35.65
C PRO B 268 -19.52 -5.03 -36.54
N GLU B 269 -19.07 -4.85 -37.78
CA GLU B 269 -18.99 -5.90 -38.79
C GLU B 269 -18.37 -7.20 -38.32
N TYR B 270 -17.26 -7.15 -37.57
CA TYR B 270 -16.59 -8.37 -37.13
C TYR B 270 -16.82 -8.72 -35.65
N CYS B 271 -17.85 -8.14 -35.04
CA CYS B 271 -18.18 -8.42 -33.65
C CYS B 271 -19.10 -9.63 -33.54
N PRO B 272 -18.72 -10.67 -32.77
CA PRO B 272 -19.63 -11.82 -32.61
C PRO B 272 -20.94 -11.42 -31.91
N ASP B 273 -22.05 -12.07 -32.28
CA ASP B 273 -23.35 -11.77 -31.69
C ASP B 273 -23.35 -11.81 -30.15
N PRO B 274 -22.81 -12.86 -29.49
CA PRO B 274 -22.78 -12.88 -28.02
C PRO B 274 -22.04 -11.67 -27.41
N LEU B 275 -21.01 -11.18 -28.09
CA LEU B 275 -20.24 -10.04 -27.62
C LEU B 275 -21.02 -8.74 -27.79
N TYR B 276 -21.79 -8.61 -28.88
CA TYR B 276 -22.65 -7.41 -29.04
C TYR B 276 -23.74 -7.41 -27.97
N GLU B 277 -24.25 -8.61 -27.61
CA GLU B 277 -25.25 -8.76 -26.56
C GLU B 277 -24.69 -8.24 -25.24
N VAL B 278 -23.42 -8.55 -24.94
CA VAL B 278 -22.72 -8.08 -23.73
C VAL B 278 -22.68 -6.55 -23.76
N MET B 279 -22.32 -5.97 -24.90
CA MET B 279 -22.32 -4.49 -25.06
C MET B 279 -23.70 -3.90 -24.75
N LEU B 280 -24.81 -4.49 -25.28
CA LEU B 280 -26.14 -3.94 -25.02
C LEU B 280 -26.48 -4.03 -23.55
N LYS B 281 -26.02 -5.10 -22.86
CA LYS B 281 -26.30 -5.20 -21.41
C LYS B 281 -25.51 -4.12 -20.65
N CYS B 282 -24.30 -3.78 -21.11
CA CYS B 282 -23.51 -2.69 -20.48
C CYS B 282 -24.23 -1.33 -20.61
N TRP B 283 -25.02 -1.16 -21.68
CA TRP B 283 -25.72 0.08 -21.92
C TRP B 283 -27.19 0.02 -21.48
N HIS B 284 -27.52 -0.86 -20.51
CA HIS B 284 -28.89 -0.92 -19.99
C HIS B 284 -29.24 0.45 -19.37
N PRO B 285 -30.41 1.01 -19.70
CA PRO B 285 -30.77 2.32 -19.16
C PRO B 285 -30.96 2.32 -17.63
N LYS B 286 -31.19 1.15 -17.02
CA LYS B 286 -31.28 1.09 -15.55
C LYS B 286 -29.94 0.58 -15.03
N ALA B 287 -29.16 1.44 -14.35
CA ALA B 287 -27.83 1.10 -13.86
C ALA B 287 -27.79 -0.20 -13.04
N GLU B 288 -28.80 -0.42 -12.18
CA GLU B 288 -28.84 -1.62 -11.35
C GLU B 288 -29.06 -2.93 -12.13
N MET B 289 -29.45 -2.83 -13.41
CA MET B 289 -29.66 -3.99 -14.23
C MET B 289 -28.43 -4.35 -15.10
N ARG B 290 -27.36 -3.51 -15.05
CA ARG B 290 -26.16 -3.81 -15.80
C ARG B 290 -25.42 -4.94 -15.12
N PRO B 291 -24.68 -5.73 -15.90
CA PRO B 291 -23.87 -6.79 -15.27
C PRO B 291 -22.75 -6.16 -14.44
N SER B 292 -22.27 -6.90 -13.46
CA SER B 292 -21.10 -6.49 -12.69
C SER B 292 -19.84 -6.79 -13.52
N PHE B 293 -18.66 -6.24 -13.12
CA PHE B 293 -17.43 -6.61 -13.82
C PHE B 293 -17.10 -8.08 -13.60
N SER B 294 -17.52 -8.69 -12.47
CA SER B 294 -17.34 -10.13 -12.29
C SER B 294 -18.12 -10.91 -13.33
N GLU B 295 -19.37 -10.51 -13.58
CA GLU B 295 -20.21 -11.16 -14.59
CA GLU B 295 -20.20 -11.18 -14.59
C GLU B 295 -19.58 -10.97 -15.98
N LEU B 296 -19.04 -9.76 -16.25
CA LEU B 296 -18.42 -9.47 -17.55
C LEU B 296 -17.19 -10.33 -17.78
N VAL B 297 -16.33 -10.53 -16.75
CA VAL B 297 -15.14 -11.37 -16.89
C VAL B 297 -15.61 -12.82 -17.17
N SER B 298 -16.60 -13.29 -16.42
CA SER B 298 -17.14 -14.64 -16.67
C SER B 298 -17.68 -14.81 -18.11
N ARG B 299 -18.49 -13.86 -18.60
CA ARG B 299 -19.12 -14.01 -19.90
C ARG B 299 -18.12 -13.83 -21.02
N ILE B 300 -17.24 -12.83 -20.89
CA ILE B 300 -16.24 -12.60 -21.94
C ILE B 300 -15.20 -13.71 -21.94
N SER B 301 -14.86 -14.29 -20.77
CA SER B 301 -13.94 -15.45 -20.74
C SER B 301 -14.56 -16.60 -21.53
N ALA B 302 -15.88 -16.83 -21.37
CA ALA B 302 -16.53 -17.92 -22.10
C ALA B 302 -16.49 -17.64 -23.62
N ILE B 303 -16.71 -16.39 -24.03
CA ILE B 303 -16.67 -16.04 -25.46
C ILE B 303 -15.25 -16.17 -26.03
N PHE B 304 -14.27 -15.67 -25.29
CA PHE B 304 -12.89 -15.72 -25.73
C PHE B 304 -12.36 -17.15 -25.81
N SER B 305 -12.59 -17.94 -24.76
CA SER B 305 -12.05 -19.29 -24.66
CA SER B 305 -12.07 -19.30 -24.66
C SER B 305 -12.59 -20.26 -25.70
N THR B 306 -13.79 -20.03 -26.21
CA THR B 306 -14.36 -20.92 -27.24
C THR B 306 -14.38 -20.29 -28.64
N PHE B 307 -13.78 -19.10 -28.81
CA PHE B 307 -13.79 -18.43 -30.10
C PHE B 307 -12.90 -19.16 -31.07
N ILE B 308 -13.38 -19.33 -32.32
CA ILE B 308 -12.57 -19.98 -33.36
C ILE B 308 -11.93 -18.89 -34.19
N GLY B 309 -10.61 -18.85 -34.18
CA GLY B 309 -9.88 -17.82 -34.93
C GLY B 309 -8.69 -17.28 -34.17
C1 W3R C . 2.96 -4.75 12.28
C2 W3R C . 4.29 -4.05 12.56
C3 W3R C . 5.46 -4.47 11.95
C7 W3R C . 4.34 -2.98 13.44
C8 W3R C . 1.03 -3.40 13.11
C9 W3R C . 0.12 -3.03 14.05
C10 W3R C . 0.14 -3.71 15.33
C11 W3R C . 2.03 -5.07 14.52
C12 W3R C . -0.86 -1.95 13.73
C13 W3R C . -1.49 -1.94 12.48
C14 W3R C . -2.39 -0.94 12.14
C15 W3R C . -2.68 0.09 13.02
C16 W3R C . -2.06 0.13 14.27
O1 W3R C . 2.86 -5.96 14.72
N W3R C . 1.96 -4.39 13.32
C6 W3R C . 5.54 -2.33 13.70
C5 W3R C . 6.71 -2.76 13.09
C4 W3R C . 6.66 -3.83 12.21
C W3R C . 2.43 -4.46 10.89
N1 W3R C . 1.11 -4.69 15.45
O W3R C . -0.62 -3.49 16.28
C17 W3R C . -1.15 -0.89 14.61
N2 W3R C . -0.71 -0.62 15.86
N3 W3R C . -1.27 0.52 16.36
C18 W3R C . -2.08 0.97 15.42
CL CL D . -5.32 18.37 -13.29
CL CL E . -17.24 12.33 -26.38
C1 W3R F . -2.49 4.71 -12.58
C2 W3R F . -3.97 4.32 -12.71
C3 W3R F . -4.35 2.99 -12.87
C7 W3R F . -4.96 5.29 -12.65
C8 W3R F . -2.26 6.98 -11.62
C9 W3R F . -2.13 8.33 -11.68
C10 W3R F . -2.12 8.95 -13.00
C11 W3R F . -2.33 6.70 -13.99
C12 W3R F . -2.05 9.12 -10.43
C13 W3R F . -1.17 8.75 -9.41
C14 W3R F . -1.11 9.46 -8.21
C15 W3R F . -1.92 10.58 -8.01
C16 W3R F . -2.81 10.98 -9.02
O1 W3R F . -2.41 5.99 -15.00
N W3R F . -2.34 6.17 -12.71
C6 W3R F . -6.30 4.95 -12.76
C5 W3R F . -6.67 3.64 -12.93
C4 W3R F . -5.69 2.65 -12.98
C W3R F . -1.86 4.19 -11.28
N1 W3R F . -2.21 8.06 -14.06
O W3R F . -2.00 10.15 -13.22
C17 W3R F . -2.87 10.24 -10.21
N2 W3R F . -3.81 10.83 -10.99
N3 W3R F . -4.37 11.92 -10.37
C18 W3R F . -3.78 12.01 -9.20
#